data_3C8T
#
_entry.id   3C8T
#
_cell.length_a   107.006
_cell.length_b   107.006
_cell.length_c   74.510
_cell.angle_alpha   90.000
_cell.angle_beta   90.000
_cell.angle_gamma   90.000
#
_symmetry.space_group_name_H-M   'P 42 21 2'
#
loop_
_entity.id
_entity.type
_entity.pdbx_description
1 polymer 'Fumarate lyase'
2 water water
#
_entity_poly.entity_id   1
_entity_poly.type   'polypeptide(L)'
_entity_poly.pdbx_seq_one_letter_code
;MSLDSPLYGRSFADDKMRELFSAQSFISRCVETEVALARAQARLGIIPEDAAAGITAAARTFAPEMERLRDDTEIVGYPI
LPLVEQLSAHAGEAGKYLHWGATTQDIMDTATVLQIRDGLALISRRIESVRKALAALARNHRDTPMAGRTHLQHALPVTF
GYKAAVWLSAFDRHAARLEEISPRVLVVEFSGASGTLASLGTRGLDVQRELARELNLGVPSITWHSARDAVAETVQFLAL
VSGSLGKLAMDISIMMTTELGEVAEPFVRHRGASSTMPQKQNPVSCELILAGARIVRNHATSMLDAMIHDFERATGPWHL
EWSAVPEGFAVASGILYQAEFMLGGLQVFPDRMRENLDHSRGLIVAEAVMMALAPHTGRKEAHDIVYLGCRRAVEDKTGL
FEVLRTMPEVAKPLGEEALRDLTDPRNYLGSAGAMVDNVLGGREGHHHHHH
;
_entity_poly.pdbx_strand_id   A
#
# COMPACT_ATOMS: atom_id res chain seq x y z
N PRO A 6 -9.55 -11.59 20.91
CA PRO A 6 -9.87 -12.91 20.34
C PRO A 6 -8.62 -13.66 19.85
N LEU A 7 -8.72 -15.00 19.82
CA LEU A 7 -7.66 -15.89 19.35
C LEU A 7 -8.17 -16.83 18.23
N TYR A 8 -7.74 -16.57 17.01
CA TYR A 8 -8.24 -17.35 15.88
C TYR A 8 -7.13 -17.99 15.06
N GLY A 9 -6.15 -17.17 14.71
CA GLY A 9 -5.16 -17.54 13.73
C GLY A 9 -4.11 -16.48 13.85
N ARG A 10 -3.50 -16.12 12.72
CA ARG A 10 -2.47 -15.10 12.71
C ARG A 10 -3.08 -13.74 12.42
N SER A 11 -2.45 -12.68 12.95
CA SER A 11 -2.90 -11.34 12.72
C SER A 11 -2.31 -10.73 11.42
N PHE A 12 -3.14 -9.98 10.70
CA PHE A 12 -2.61 -9.20 9.58
C PHE A 12 -2.23 -7.76 9.99
N ALA A 13 -2.34 -7.41 11.27
CA ALA A 13 -1.99 -6.06 11.77
C ALA A 13 -0.52 -5.96 12.29
N ASP A 14 0.12 -4.82 12.02
CA ASP A 14 1.54 -4.61 12.36
C ASP A 14 1.64 -4.03 13.79
N ASP A 15 2.37 -4.74 14.65
CA ASP A 15 2.58 -4.33 16.06
C ASP A 15 3.31 -2.98 16.19
N LYS A 16 4.32 -2.74 15.35
CA LYS A 16 4.97 -1.44 15.29
C LYS A 16 4.01 -0.29 14.97
N MET A 17 3.08 -0.59 14.08
CA MET A 17 2.08 0.38 13.67
C MET A 17 1.01 0.52 14.75
N ARG A 18 0.70 -0.56 15.45
CA ARG A 18 -0.07 -0.46 16.69
C ARG A 18 0.61 0.32 17.85
N GLU A 19 1.91 0.18 18.02
CA GLU A 19 2.60 0.98 19.06
C GLU A 19 2.52 2.45 18.70
N LEU A 20 2.81 2.75 17.44
CA LEU A 20 2.62 4.09 16.91
C LEU A 20 1.26 4.77 17.17
N PHE A 21 0.15 4.04 17.10
CA PHE A 21 -1.18 4.64 17.31
C PHE A 21 -1.77 4.33 18.70
N SER A 22 -0.94 3.81 19.60
CA SER A 22 -1.34 3.53 20.97
C SER A 22 -1.68 4.83 21.70
N ALA A 23 -2.37 4.71 22.82
CA ALA A 23 -2.75 5.86 23.62
C ALA A 23 -1.53 6.66 24.09
N GLN A 24 -0.52 5.93 24.56
CA GLN A 24 0.71 6.51 25.13
C GLN A 24 1.41 7.35 24.09
N SER A 25 1.57 6.78 22.90
CA SER A 25 2.15 7.52 21.82
C SER A 25 1.28 8.74 21.41
N PHE A 26 -0.02 8.57 21.31
CA PHE A 26 -0.93 9.69 20.96
C PHE A 26 -0.77 10.84 21.93
N ILE A 27 -0.97 10.54 23.21
CA ILE A 27 -0.76 11.47 24.33
C ILE A 27 0.59 12.15 24.26
N SER A 28 1.68 11.41 24.07
CA SER A 28 2.99 12.09 23.99
C SER A 28 3.11 13.12 22.80
N ARG A 29 2.46 12.82 21.67
CA ARG A 29 2.36 13.78 20.55
C ARG A 29 1.48 14.97 20.90
N CYS A 30 0.44 14.72 21.71
CA CYS A 30 -0.43 15.78 22.27
C CYS A 30 0.32 16.77 23.14
N VAL A 31 1.15 16.25 24.04
CA VAL A 31 2.07 17.07 24.83
C VAL A 31 3.05 17.80 23.89
N GLU A 32 3.66 17.07 22.96
CA GLU A 32 4.57 17.67 21.98
C GLU A 32 3.96 18.89 21.29
N THR A 33 2.70 18.78 20.91
CA THR A 33 1.95 19.85 20.23
C THR A 33 1.73 21.05 21.16
N GLU A 34 1.30 20.79 22.41
CA GLU A 34 1.01 21.87 23.37
C GLU A 34 2.28 22.68 23.73
N VAL A 35 3.40 21.97 23.87
CA VAL A 35 4.69 22.59 24.20
C VAL A 35 5.13 23.45 23.04
N ALA A 36 4.99 22.94 21.82
CA ALA A 36 5.38 23.69 20.64
C ALA A 36 4.48 24.90 20.51
N LEU A 37 3.21 24.78 20.89
CA LEU A 37 2.29 25.92 20.83
C LEU A 37 2.72 27.05 21.77
N ALA A 38 3.11 26.65 23.00
CA ALA A 38 3.64 27.59 24.01
C ALA A 38 4.89 28.31 23.51
N ARG A 39 5.79 27.56 22.87
CA ARG A 39 7.02 28.11 22.34
C ARG A 39 6.77 29.08 21.21
N ALA A 40 5.90 28.69 20.28
CA ALA A 40 5.47 29.57 19.20
C ALA A 40 4.89 30.87 19.75
N GLN A 41 4.13 30.80 20.82
CA GLN A 41 3.49 31.97 21.34
C GLN A 41 4.47 32.90 22.08
N ALA A 42 5.51 32.34 22.70
CA ALA A 42 6.48 33.13 23.44
C ALA A 42 7.35 33.91 22.47
N ARG A 43 7.72 33.27 21.36
CA ARG A 43 8.44 33.96 20.29
C ARG A 43 7.66 35.12 19.65
N LEU A 44 6.35 34.99 19.57
CA LEU A 44 5.53 36.06 18.97
C LEU A 44 5.07 37.04 20.03
N GLY A 45 5.59 36.90 21.25
CA GLY A 45 5.25 37.77 22.38
C GLY A 45 3.81 37.64 22.85
N ILE A 46 3.21 36.47 22.68
CA ILE A 46 1.79 36.34 22.98
C ILE A 46 1.57 35.86 24.41
N ILE A 47 2.52 35.08 24.89
CA ILE A 47 2.56 34.67 26.28
C ILE A 47 3.97 35.02 26.74
N PRO A 48 4.20 35.23 28.06
CA PRO A 48 5.53 35.43 28.65
C PRO A 48 6.56 34.35 28.32
N GLU A 49 7.80 34.79 28.08
CA GLU A 49 8.90 33.89 27.76
C GLU A 49 9.20 32.87 28.85
N ASP A 50 9.03 33.26 30.12
CA ASP A 50 9.25 32.31 31.24
C ASP A 50 8.11 31.33 31.42
N ALA A 51 6.94 31.70 30.93
CA ALA A 51 5.82 30.79 30.95
C ALA A 51 6.11 29.64 29.98
N ALA A 52 6.61 29.97 28.78
CA ALA A 52 6.98 28.93 27.78
C ALA A 52 8.17 28.08 28.24
N ALA A 53 9.19 28.74 28.79
CA ALA A 53 10.36 28.05 29.37
C ALA A 53 9.89 27.05 30.43
N GLY A 54 8.99 27.51 31.30
CA GLY A 54 8.45 26.68 32.39
C GLY A 54 7.68 25.51 31.82
N ILE A 55 6.85 25.79 30.82
CA ILE A 55 6.11 24.72 30.16
C ILE A 55 7.08 23.72 29.48
N THR A 56 8.08 24.24 28.75
CA THR A 56 9.02 23.34 28.08
C THR A 56 9.69 22.41 29.11
N ALA A 57 10.26 22.98 30.17
CA ALA A 57 10.90 22.17 31.22
C ALA A 57 9.96 21.19 31.93
N ALA A 58 8.74 21.62 32.25
CA ALA A 58 7.83 20.68 32.92
C ALA A 58 7.56 19.46 32.02
N ALA A 59 7.38 19.71 30.71
CA ALA A 59 7.14 18.62 29.75
C ALA A 59 8.30 17.63 29.64
N ARG A 60 9.56 18.10 29.76
CA ARG A 60 10.72 17.17 29.72
C ARG A 60 10.62 16.10 30.81
N THR A 61 10.09 16.49 31.98
CA THR A 61 9.98 15.58 33.12
C THR A 61 8.58 14.96 33.28
N PHE A 62 7.64 15.38 32.43
CA PHE A 62 6.21 15.03 32.63
C PHE A 62 5.92 13.61 32.19
N ALA A 63 5.21 12.87 33.04
CA ALA A 63 4.78 11.53 32.72
C ALA A 63 3.29 11.43 33.03
N PRO A 64 2.44 11.31 31.98
CA PRO A 64 0.99 11.31 32.18
C PRO A 64 0.55 10.15 33.07
N GLU A 65 -0.56 10.37 33.78
CA GLU A 65 -1.20 9.35 34.56
C GLU A 65 -2.30 8.73 33.70
N MET A 66 -1.96 7.67 32.96
CA MET A 66 -2.81 7.12 31.87
C MET A 66 -4.20 6.59 32.28
N GLU A 67 -4.29 5.91 33.41
CA GLU A 67 -5.58 5.43 33.92
C GLU A 67 -6.52 6.58 34.29
N ARG A 68 -5.99 7.61 34.96
CA ARG A 68 -6.72 8.86 35.29
C ARG A 68 -7.22 9.52 34.00
N LEU A 69 -6.34 9.60 32.99
CA LEU A 69 -6.68 10.12 31.66
C LEU A 69 -7.85 9.37 31.02
N ARG A 70 -7.76 8.05 31.01
CA ARG A 70 -8.82 7.22 30.42
C ARG A 70 -10.16 7.46 31.09
N ASP A 71 -10.16 7.48 32.43
CA ASP A 71 -11.35 7.72 33.24
C ASP A 71 -11.96 9.10 32.96
N ASP A 72 -11.12 10.12 32.89
CA ASP A 72 -11.61 11.49 32.66
C ASP A 72 -12.14 11.69 31.24
N THR A 73 -11.56 10.99 30.27
CA THR A 73 -12.01 11.07 28.87
C THR A 73 -13.46 10.62 28.75
N GLU A 74 -13.84 9.65 29.57
CA GLU A 74 -15.17 9.03 29.54
C GLU A 74 -16.21 10.00 30.09
N ILE A 75 -15.76 10.85 31.01
CA ILE A 75 -16.56 11.92 31.58
C ILE A 75 -16.59 13.13 30.64
N VAL A 76 -15.42 13.57 30.18
CA VAL A 76 -15.33 14.79 29.39
C VAL A 76 -15.63 14.60 27.87
N GLY A 77 -15.44 13.39 27.36
CA GLY A 77 -15.59 13.12 25.93
C GLY A 77 -14.26 13.03 25.19
N TYR A 78 -13.24 13.77 25.66
CA TYR A 78 -11.93 13.85 24.99
C TYR A 78 -10.74 13.86 25.96
N PRO A 79 -9.56 13.33 25.55
CA PRO A 79 -8.46 13.36 26.51
C PRO A 79 -7.75 14.69 26.64
N ILE A 80 -8.01 15.65 25.74
CA ILE A 80 -7.17 16.84 25.70
C ILE A 80 -7.22 17.72 26.95
N LEU A 81 -8.41 18.09 27.40
CA LEU A 81 -8.48 19.00 28.54
C LEU A 81 -8.03 18.34 29.85
N PRO A 82 -8.36 17.04 30.08
CA PRO A 82 -7.75 16.33 31.19
C PRO A 82 -6.22 16.25 31.07
N LEU A 83 -5.70 15.95 29.88
CA LEU A 83 -4.25 15.98 29.72
C LEU A 83 -3.66 17.38 30.04
N VAL A 84 -4.34 18.45 29.62
CA VAL A 84 -3.85 19.82 29.91
C VAL A 84 -3.87 20.08 31.43
N GLU A 85 -4.90 19.57 32.12
CA GLU A 85 -4.99 19.70 33.57
C GLU A 85 -3.80 19.00 34.24
N GLN A 86 -3.48 17.77 33.83
CA GLN A 86 -2.35 17.06 34.43
C GLN A 86 -1.06 17.83 34.13
N LEU A 87 -0.88 18.28 32.90
CA LEU A 87 0.32 19.05 32.59
C LEU A 87 0.39 20.41 33.31
N SER A 88 -0.77 21.04 33.51
CA SER A 88 -0.77 22.31 34.22
C SER A 88 -0.30 22.12 35.67
N ALA A 89 -0.89 21.13 36.35
CA ALA A 89 -0.55 20.78 37.73
C ALA A 89 0.96 20.56 37.88
N HIS A 90 1.54 19.83 36.93
CA HIS A 90 2.96 19.53 36.96
C HIS A 90 3.84 20.75 36.75
N ALA A 91 3.39 21.71 35.95
CA ALA A 91 4.23 22.88 35.57
C ALA A 91 4.18 24.04 36.58
N GLY A 92 3.27 23.98 37.55
CA GLY A 92 3.06 25.08 38.47
C GLY A 92 2.45 26.30 37.81
N GLU A 93 3.00 27.47 38.13
CA GLU A 93 2.43 28.74 37.64
C GLU A 93 2.46 28.92 36.11
N ALA A 94 3.55 28.48 35.48
CA ALA A 94 3.67 28.57 34.02
C ALA A 94 2.58 27.77 33.25
N GLY A 95 1.94 26.83 33.93
CA GLY A 95 0.93 25.97 33.32
C GLY A 95 -0.34 26.71 32.96
N LYS A 96 -0.49 27.91 33.53
CA LYS A 96 -1.68 28.69 33.26
C LYS A 96 -1.67 29.25 31.84
N TYR A 97 -0.58 29.05 31.09
CA TYR A 97 -0.56 29.54 29.72
C TYR A 97 -0.66 28.49 28.66
N LEU A 98 -0.95 27.28 29.10
CA LEU A 98 -1.08 26.10 28.26
C LEU A 98 -2.36 26.22 27.43
N HIS A 99 -2.38 25.58 26.25
CA HIS A 99 -3.59 25.47 25.46
C HIS A 99 -4.19 26.87 25.33
N TRP A 100 -3.41 27.82 24.87
CA TRP A 100 -3.86 29.22 24.83
C TRP A 100 -4.39 29.48 23.45
N GLY A 101 -5.71 29.61 23.34
CA GLY A 101 -6.35 29.86 22.05
C GLY A 101 -6.63 28.59 21.24
N ALA A 102 -6.17 27.44 21.73
CA ALA A 102 -6.40 26.12 21.15
C ALA A 102 -7.80 25.54 21.43
N THR A 103 -8.31 24.74 20.49
CA THR A 103 -9.42 23.84 20.76
C THR A 103 -8.90 22.38 20.75
N THR A 104 -9.71 21.48 21.29
CA THR A 104 -9.43 20.04 21.33
C THR A 104 -9.07 19.42 19.97
N GLN A 105 -9.90 19.65 18.94
CA GLN A 105 -9.56 19.11 17.60
C GLN A 105 -8.24 19.61 16.99
N ASP A 106 -7.81 20.80 17.40
CA ASP A 106 -6.48 21.27 16.98
C ASP A 106 -5.39 20.32 17.46
N ILE A 107 -5.44 19.98 18.75
CA ILE A 107 -4.41 19.16 19.36
C ILE A 107 -4.49 17.73 18.86
N MET A 108 -5.73 17.23 18.74
CA MET A 108 -5.99 15.84 18.26
C MET A 108 -5.68 15.65 16.77
N ASP A 109 -6.02 16.62 15.93
CA ASP A 109 -5.67 16.61 14.51
C ASP A 109 -4.17 16.67 14.30
N THR A 110 -3.54 17.60 15.01
CA THR A 110 -2.10 17.80 14.90
C THR A 110 -1.30 16.62 15.41
N ALA A 111 -1.65 16.09 16.58
CA ALA A 111 -1.02 14.85 17.07
C ALA A 111 -1.21 13.67 16.13
N THR A 112 -2.41 13.56 15.54
CA THR A 112 -2.68 12.57 14.48
C THR A 112 -1.75 12.75 13.30
N VAL A 113 -1.59 14.00 12.85
CA VAL A 113 -0.67 14.26 11.74
C VAL A 113 0.79 13.83 12.09
N LEU A 114 1.21 14.03 13.32
CA LEU A 114 2.54 13.62 13.74
C LEU A 114 2.70 12.08 13.67
N GLN A 115 1.69 11.34 14.10
CA GLN A 115 1.70 9.90 13.94
C GLN A 115 1.70 9.50 12.46
N ILE A 116 0.81 10.08 11.65
CA ILE A 116 0.80 9.86 10.19
C ILE A 116 2.19 10.06 9.52
N ARG A 117 2.95 11.07 9.97
CA ARG A 117 4.33 11.23 9.51
C ARG A 117 5.17 9.97 9.79
N ASP A 118 5.13 9.50 11.04
CA ASP A 118 5.80 8.22 11.36
C ASP A 118 5.16 7.02 10.62
N GLY A 119 3.83 6.96 10.57
CA GLY A 119 3.13 5.89 9.82
C GLY A 119 3.57 5.83 8.35
N LEU A 120 3.68 6.98 7.71
CA LEU A 120 4.04 7.02 6.31
C LEU A 120 5.52 6.64 6.09
N ALA A 121 6.39 6.91 7.06
CA ALA A 121 7.81 6.51 6.92
C ALA A 121 7.94 4.99 7.01
N LEU A 122 7.12 4.38 7.87
CA LEU A 122 7.10 2.94 7.98
C LEU A 122 6.46 2.28 6.74
N ILE A 123 5.36 2.84 6.25
CA ILE A 123 4.80 2.38 4.98
C ILE A 123 5.80 2.48 3.82
N SER A 124 6.49 3.61 3.72
CA SER A 124 7.46 3.80 2.65
C SER A 124 8.58 2.74 2.70
N ARG A 125 9.09 2.48 3.91
CA ARG A 125 10.10 1.48 4.20
C ARG A 125 9.62 0.08 3.74
N ARG A 126 8.37 -0.27 4.02
CA ARG A 126 7.85 -1.58 3.61
C ARG A 126 7.63 -1.68 2.09
N ILE A 127 7.19 -0.59 1.49
CA ILE A 127 7.06 -0.53 0.03
C ILE A 127 8.44 -0.67 -0.66
N GLU A 128 9.47 -0.02 -0.11
CA GLU A 128 10.84 -0.21 -0.61
C GLU A 128 11.39 -1.66 -0.46
N SER A 129 11.18 -2.33 0.68
CA SER A 129 11.50 -3.76 0.76
C SER A 129 10.71 -4.60 -0.22
N VAL A 130 9.41 -4.33 -0.38
CA VAL A 130 8.59 -5.04 -1.38
C VAL A 130 9.22 -4.93 -2.80
N ARG A 131 9.52 -3.70 -3.20
CA ARG A 131 10.15 -3.43 -4.50
C ARG A 131 11.48 -4.18 -4.64
N LYS A 132 12.32 -4.15 -3.60
CA LYS A 132 13.58 -4.91 -3.61
C LYS A 132 13.40 -6.41 -3.84
N ALA A 133 12.51 -7.05 -3.07
CA ALA A 133 12.29 -8.48 -3.25
C ALA A 133 11.67 -8.80 -4.62
N LEU A 134 10.87 -7.88 -5.17
CA LEU A 134 10.30 -8.08 -6.49
C LEU A 134 11.34 -7.94 -7.61
N ALA A 135 12.19 -6.92 -7.48
CA ALA A 135 13.28 -6.75 -8.42
C ALA A 135 14.23 -7.99 -8.45
N ALA A 136 14.49 -8.57 -7.29
CA ALA A 136 15.32 -9.78 -7.26
C ALA A 136 14.63 -10.91 -8.02
N LEU A 137 13.34 -11.11 -7.76
CA LEU A 137 12.59 -12.18 -8.44
C LEU A 137 12.56 -11.93 -9.95
N ALA A 138 12.30 -10.69 -10.33
CA ALA A 138 12.23 -10.32 -11.73
C ALA A 138 13.56 -10.61 -12.43
N ARG A 139 14.66 -10.23 -11.76
CA ARG A 139 16.01 -10.38 -12.33
C ARG A 139 16.36 -11.87 -12.41
N ASN A 140 16.34 -12.57 -11.28
CA ASN A 140 16.72 -14.00 -11.29
C ASN A 140 15.87 -14.90 -12.20
N HIS A 141 14.59 -14.56 -12.40
CA HIS A 141 13.69 -15.42 -13.19
C HIS A 141 13.31 -14.81 -14.50
N ARG A 142 14.06 -13.79 -14.88
CA ARG A 142 13.89 -13.10 -16.17
C ARG A 142 13.63 -14.09 -17.30
N ASP A 143 14.38 -15.19 -17.34
CA ASP A 143 14.28 -16.16 -18.44
C ASP A 143 13.62 -17.51 -18.05
N THR A 144 13.05 -17.62 -16.85
CA THR A 144 12.34 -18.82 -16.40
C THR A 144 10.96 -18.93 -17.13
N PRO A 145 10.83 -19.85 -18.12
CA PRO A 145 9.55 -19.90 -18.85
C PRO A 145 8.43 -20.59 -18.05
N MET A 146 7.21 -20.19 -18.33
CA MET A 146 6.00 -20.72 -17.69
C MET A 146 4.80 -20.39 -18.60
N ALA A 147 3.65 -21.01 -18.33
CA ALA A 147 2.43 -20.64 -19.05
C ALA A 147 1.89 -19.29 -18.55
N GLY A 148 1.67 -18.33 -19.47
CA GLY A 148 0.78 -17.21 -19.29
C GLY A 148 -0.66 -17.69 -19.14
N ARG A 149 -1.44 -17.08 -18.24
CA ARG A 149 -2.84 -17.49 -18.06
C ARG A 149 -3.85 -16.34 -18.19
N THR A 150 -4.88 -16.57 -18.99
CA THR A 150 -5.97 -15.62 -19.14
C THR A 150 -7.18 -16.44 -18.74
N HIS A 151 -8.01 -15.85 -17.88
CA HIS A 151 -9.07 -16.56 -17.17
C HIS A 151 -8.70 -17.97 -16.73
N LEU A 152 -7.51 -18.07 -16.12
CA LEU A 152 -6.99 -19.27 -15.47
C LEU A 152 -6.58 -20.38 -16.45
N GLN A 153 -6.55 -20.04 -17.73
CA GLN A 153 -6.26 -21.02 -18.78
C GLN A 153 -5.04 -20.63 -19.62
N HIS A 154 -4.35 -21.64 -20.15
CA HIS A 154 -3.09 -21.41 -20.83
C HIS A 154 -3.32 -20.45 -22.01
N ALA A 155 -2.52 -19.41 -22.07
CA ALA A 155 -2.66 -18.42 -23.16
C ALA A 155 -1.44 -18.47 -24.10
N LEU A 156 -0.33 -17.83 -23.72
CA LEU A 156 0.94 -17.97 -24.43
C LEU A 156 2.02 -18.12 -23.38
N PRO A 157 3.25 -18.52 -23.79
CA PRO A 157 4.33 -18.53 -22.80
C PRO A 157 4.66 -17.13 -22.23
N VAL A 158 4.96 -17.06 -20.93
CA VAL A 158 5.60 -15.86 -20.33
C VAL A 158 6.82 -16.32 -19.51
N THR A 159 7.51 -15.44 -18.80
CA THR A 159 8.49 -15.92 -17.82
C THR A 159 8.03 -15.49 -16.46
N PHE A 160 8.50 -16.17 -15.40
CA PHE A 160 8.14 -15.79 -14.07
C PHE A 160 8.73 -14.39 -13.72
N GLY A 161 9.92 -14.05 -14.22
CA GLY A 161 10.46 -12.69 -13.98
C GLY A 161 9.57 -11.64 -14.60
N TYR A 162 8.97 -11.96 -15.77
CA TYR A 162 8.01 -11.09 -16.39
C TYR A 162 6.82 -10.81 -15.43
N LYS A 163 6.21 -11.88 -14.88
CA LYS A 163 5.17 -11.73 -13.85
C LYS A 163 5.61 -10.87 -12.68
N ALA A 164 6.80 -11.14 -12.13
CA ALA A 164 7.31 -10.32 -11.03
C ALA A 164 7.50 -8.86 -11.44
N ALA A 165 7.87 -8.62 -12.70
CA ALA A 165 8.09 -7.23 -13.17
C ALA A 165 6.80 -6.44 -13.23
N VAL A 166 5.71 -7.15 -13.58
CA VAL A 166 4.38 -6.56 -13.62
C VAL A 166 3.95 -6.15 -12.18
N TRP A 167 4.11 -7.06 -11.24
CA TRP A 167 3.82 -6.80 -9.82
C TRP A 167 4.68 -5.60 -9.37
N LEU A 168 5.97 -5.63 -9.68
CA LEU A 168 6.86 -4.57 -9.34
C LEU A 168 6.42 -3.18 -9.86
N SER A 169 5.93 -3.13 -11.11
CA SER A 169 5.62 -1.88 -11.76
C SER A 169 4.57 -1.04 -11.02
N ALA A 170 3.58 -1.73 -10.47
CA ALA A 170 2.56 -1.17 -9.57
C ALA A 170 3.17 -0.49 -8.33
N PHE A 171 4.15 -1.17 -7.73
CA PHE A 171 4.79 -0.68 -6.48
C PHE A 171 5.75 0.47 -6.73
N ASP A 172 6.38 0.47 -7.90
CA ASP A 172 7.08 1.65 -8.38
C ASP A 172 6.11 2.80 -8.46
N ARG A 173 4.89 2.60 -8.96
CA ARG A 173 3.93 3.72 -9.00
C ARG A 173 3.43 4.13 -7.62
N HIS A 174 3.37 3.19 -6.68
CA HIS A 174 2.80 3.50 -5.36
C HIS A 174 3.81 4.35 -4.61
N ALA A 175 5.10 4.01 -4.77
CA ALA A 175 6.20 4.83 -4.21
C ALA A 175 6.11 6.28 -4.63
N ALA A 176 5.80 6.51 -5.91
CA ALA A 176 5.60 7.86 -6.43
C ALA A 176 4.39 8.55 -5.78
N ARG A 177 3.27 7.83 -5.67
CA ARG A 177 2.03 8.37 -5.03
C ARG A 177 2.29 8.83 -3.58
N LEU A 178 3.02 8.01 -2.80
CA LEU A 178 3.34 8.32 -1.40
C LEU A 178 3.99 9.71 -1.24
N GLU A 179 4.96 9.99 -2.10
CA GLU A 179 5.68 11.26 -2.12
C GLU A 179 4.78 12.46 -2.48
N GLU A 180 3.81 12.26 -3.38
CA GLU A 180 2.83 13.30 -3.74
C GLU A 180 1.83 13.64 -2.60
N ILE A 181 1.37 12.59 -1.90
CA ILE A 181 0.35 12.76 -0.85
C ILE A 181 0.94 13.44 0.41
N SER A 182 2.17 13.09 0.79
CA SER A 182 2.81 13.58 2.02
C SER A 182 2.74 15.11 2.29
N PRO A 183 3.05 15.99 1.30
CA PRO A 183 2.93 17.40 1.66
C PRO A 183 1.47 17.83 1.83
N ARG A 184 0.50 17.06 1.32
CA ARG A 184 -0.89 17.50 1.52
C ARG A 184 -1.38 17.17 2.95
N VAL A 185 -1.09 15.96 3.39
CA VAL A 185 -1.59 15.50 4.66
C VAL A 185 -0.73 16.03 5.82
N LEU A 186 0.56 16.31 5.59
CA LEU A 186 1.43 16.68 6.73
C LEU A 186 1.44 18.19 7.01
N VAL A 187 0.32 18.68 7.51
CA VAL A 187 0.14 20.08 7.81
C VAL A 187 -0.43 20.16 9.20
N VAL A 188 -0.11 21.27 9.88
CA VAL A 188 -0.56 21.54 11.25
C VAL A 188 -2.06 21.75 11.25
N GLU A 189 -2.72 21.42 12.36
CA GLU A 189 -4.05 21.98 12.59
C GLU A 189 -4.01 22.92 13.82
N PHE A 190 -4.23 24.22 13.61
CA PHE A 190 -4.40 25.13 14.72
C PHE A 190 -5.32 26.28 14.34
N SER A 191 -6.59 26.15 14.72
CA SER A 191 -7.59 27.15 14.30
C SER A 191 -8.62 27.47 15.35
N GLY A 192 -8.59 26.82 16.49
CA GLY A 192 -9.50 27.17 17.55
C GLY A 192 -10.92 26.69 17.34
N ALA A 193 -11.80 27.08 18.27
CA ALA A 193 -13.08 26.41 18.54
C ALA A 193 -13.99 26.39 17.34
N SER A 194 -14.10 27.50 16.62
CA SER A 194 -14.81 27.40 15.35
C SER A 194 -13.97 27.77 14.15
N GLY A 195 -12.66 27.63 14.27
CA GLY A 195 -11.75 27.75 13.10
C GLY A 195 -11.26 29.13 12.70
N THR A 196 -11.61 30.15 13.50
CA THR A 196 -11.28 31.57 13.26
C THR A 196 -10.18 32.11 14.16
N LEU A 197 -9.72 31.29 15.12
CA LEU A 197 -8.73 31.78 16.11
C LEU A 197 -9.14 33.14 16.76
N ALA A 198 -10.45 33.33 17.00
CA ALA A 198 -10.97 34.62 17.53
C ALA A 198 -10.28 35.01 18.83
N SER A 199 -10.05 34.02 19.69
CA SER A 199 -9.45 34.29 20.99
C SER A 199 -8.04 34.88 20.94
N LEU A 200 -7.43 34.91 19.74
CA LEU A 200 -6.06 35.42 19.54
C LEU A 200 -6.04 36.78 18.81
N GLY A 201 -7.24 37.35 18.69
CA GLY A 201 -7.43 38.66 18.11
C GLY A 201 -6.98 38.61 16.68
N THR A 202 -5.88 39.32 16.39
CA THR A 202 -5.37 39.46 15.02
C THR A 202 -4.14 38.60 14.79
N ARG A 203 -3.67 37.88 15.80
CA ARG A 203 -2.37 37.22 15.72
C ARG A 203 -2.49 35.72 15.36
N GLY A 204 -3.70 35.25 15.15
CA GLY A 204 -3.93 33.82 14.94
C GLY A 204 -3.08 33.14 13.87
N LEU A 205 -3.05 33.72 12.68
CA LEU A 205 -2.28 33.12 11.56
C LEU A 205 -0.76 33.08 11.81
N ASP A 206 -0.24 34.09 12.54
CA ASP A 206 1.16 34.11 12.99
C ASP A 206 1.47 32.91 13.88
N VAL A 207 0.62 32.66 14.87
CA VAL A 207 0.77 31.50 15.75
C VAL A 207 0.77 30.17 14.95
N GLN A 208 -0.22 30.03 14.08
CA GLN A 208 -0.44 28.82 13.28
C GLN A 208 0.79 28.48 12.43
N ARG A 209 1.33 29.49 11.76
CA ARG A 209 2.56 29.37 10.99
C ARG A 209 3.81 29.09 11.83
N GLU A 210 3.98 29.80 12.95
CA GLU A 210 5.07 29.50 13.88
C GLU A 210 5.04 28.07 14.40
N LEU A 211 3.83 27.62 14.73
CA LEU A 211 3.60 26.27 15.23
C LEU A 211 3.95 25.20 14.19
N ALA A 212 3.62 25.44 12.93
CA ALA A 212 3.99 24.50 11.87
C ALA A 212 5.53 24.37 11.84
N ARG A 213 6.21 25.51 11.99
CA ARG A 213 7.65 25.55 11.94
C ARG A 213 8.22 24.77 13.09
N GLU A 214 7.70 24.96 14.29
CA GLU A 214 8.19 24.27 15.48
C GLU A 214 8.09 22.74 15.35
N LEU A 215 7.05 22.27 14.68
CA LEU A 215 6.81 20.85 14.59
C LEU A 215 7.35 20.29 13.29
N ASN A 216 7.83 21.18 12.44
CA ASN A 216 8.29 20.79 11.11
C ASN A 216 7.16 20.24 10.22
N LEU A 217 6.00 20.91 10.20
CA LEU A 217 4.87 20.53 9.36
C LEU A 217 4.60 21.63 8.35
N GLY A 218 3.84 21.33 7.27
CA GLY A 218 3.41 22.45 6.40
C GLY A 218 2.35 23.29 7.14
N VAL A 219 1.95 24.39 6.51
CA VAL A 219 0.88 25.25 6.94
C VAL A 219 -0.30 25.00 6.00
N PRO A 220 -1.50 24.68 6.54
CA PRO A 220 -2.67 24.49 5.67
C PRO A 220 -3.09 25.80 5.01
N SER A 221 -3.78 25.71 3.88
CA SER A 221 -4.31 26.92 3.25
C SER A 221 -5.36 27.61 4.18
N ILE A 222 -6.12 26.78 4.90
CA ILE A 222 -7.15 27.19 5.85
C ILE A 222 -7.50 25.96 6.73
N THR A 223 -8.10 26.26 7.88
CA THR A 223 -8.70 25.32 8.80
C THR A 223 -9.24 24.07 8.10
N TRP A 224 -8.86 22.90 8.60
CA TRP A 224 -9.35 21.68 7.98
C TRP A 224 -10.10 20.79 9.00
N HIS A 225 -10.65 21.40 10.05
CA HIS A 225 -11.48 20.68 11.03
C HIS A 225 -12.56 19.89 10.27
N SER A 226 -13.09 20.48 9.19
CA SER A 226 -14.18 19.87 8.42
C SER A 226 -13.89 19.64 6.92
N ALA A 227 -12.64 19.84 6.52
CA ALA A 227 -12.15 19.56 5.15
C ALA A 227 -11.13 18.41 5.22
N ARG A 228 -11.63 17.18 5.09
CA ARG A 228 -10.87 15.97 5.52
C ARG A 228 -10.22 15.21 4.35
N ASP A 229 -10.12 15.85 3.19
CA ASP A 229 -9.68 15.18 1.96
C ASP A 229 -8.25 14.69 2.00
N ALA A 230 -7.35 15.41 2.68
CA ALA A 230 -5.98 14.96 2.71
C ALA A 230 -5.82 13.74 3.58
N VAL A 231 -6.65 13.63 4.63
CA VAL A 231 -6.65 12.41 5.44
C VAL A 231 -7.31 11.23 4.70
N ALA A 232 -8.49 11.47 4.13
CA ALA A 232 -9.15 10.47 3.28
C ALA A 232 -8.25 9.92 2.16
N GLU A 233 -7.47 10.78 1.48
CA GLU A 233 -6.64 10.33 0.36
C GLU A 233 -5.52 9.45 0.85
N THR A 234 -5.09 9.66 2.10
CA THR A 234 -4.04 8.81 2.66
C THR A 234 -4.52 7.39 2.85
N VAL A 235 -5.73 7.23 3.38
CA VAL A 235 -6.25 5.86 3.57
C VAL A 235 -6.66 5.21 2.23
N GLN A 236 -7.17 6.00 1.30
CA GLN A 236 -7.44 5.54 -0.06
C GLN A 236 -6.17 4.98 -0.67
N PHE A 237 -5.04 5.68 -0.47
CA PHE A 237 -3.76 5.25 -0.93
C PHE A 237 -3.38 3.90 -0.28
N LEU A 238 -3.56 3.76 1.04
CA LEU A 238 -3.37 2.47 1.71
C LEU A 238 -4.15 1.35 1.06
N ALA A 239 -5.40 1.63 0.75
CA ALA A 239 -6.29 0.70 0.06
C ALA A 239 -5.81 0.34 -1.35
N LEU A 240 -5.17 1.27 -2.05
CA LEU A 240 -4.68 1.00 -3.41
C LEU A 240 -3.47 0.07 -3.39
N VAL A 241 -2.52 0.35 -2.49
CA VAL A 241 -1.38 -0.55 -2.25
C VAL A 241 -1.85 -1.96 -1.88
N SER A 242 -2.86 -2.06 -1.01
CA SER A 242 -3.41 -3.33 -0.54
C SER A 242 -3.99 -4.10 -1.71
N GLY A 243 -4.66 -3.40 -2.61
CA GLY A 243 -5.16 -4.02 -3.82
C GLY A 243 -4.08 -4.65 -4.64
N SER A 244 -2.94 -3.98 -4.80
CA SER A 244 -1.81 -4.52 -5.55
C SER A 244 -1.20 -5.71 -4.83
N LEU A 245 -1.12 -5.68 -3.51
CA LEU A 245 -0.77 -6.90 -2.75
C LEU A 245 -1.77 -8.04 -2.97
N GLY A 246 -3.07 -7.75 -2.91
CA GLY A 246 -4.05 -8.77 -3.24
C GLY A 246 -3.86 -9.48 -4.58
N LYS A 247 -3.48 -8.74 -5.64
CA LYS A 247 -3.29 -9.29 -6.98
C LYS A 247 -2.21 -10.37 -6.99
N LEU A 248 -1.04 -10.06 -6.41
CA LEU A 248 0.05 -11.00 -6.37
C LEU A 248 -0.22 -12.13 -5.42
N ALA A 249 -1.04 -11.89 -4.39
CA ALA A 249 -1.43 -12.94 -3.44
C ALA A 249 -2.36 -13.94 -4.07
N MET A 250 -3.27 -13.45 -4.94
CA MET A 250 -4.13 -14.31 -5.73
C MET A 250 -3.26 -15.21 -6.59
N ASP A 251 -2.29 -14.59 -7.29
CA ASP A 251 -1.47 -15.31 -8.25
C ASP A 251 -0.68 -16.40 -7.52
N ILE A 252 0.01 -16.05 -6.46
CA ILE A 252 0.81 -17.04 -5.70
C ILE A 252 -0.03 -18.17 -5.11
N SER A 253 -1.15 -17.85 -4.45
CA SER A 253 -1.96 -18.92 -3.84
C SER A 253 -2.53 -19.87 -4.89
N ILE A 254 -2.84 -19.34 -6.07
CA ILE A 254 -3.33 -20.19 -7.17
C ILE A 254 -2.16 -21.01 -7.77
N MET A 255 -0.99 -20.41 -7.88
CA MET A 255 0.16 -21.20 -8.34
C MET A 255 0.55 -22.32 -7.31
N MET A 256 0.05 -22.23 -6.07
CA MET A 256 0.25 -23.30 -5.03
C MET A 256 -0.76 -24.43 -5.07
N THR A 257 -1.75 -24.30 -5.97
CA THR A 257 -2.69 -25.36 -6.26
C THR A 257 -1.91 -26.65 -6.51
N THR A 258 -2.36 -27.75 -5.92
CA THR A 258 -1.69 -29.04 -6.07
C THR A 258 -1.25 -29.38 -7.53
N GLU A 259 -2.17 -29.26 -8.47
CA GLU A 259 -1.90 -29.54 -9.86
C GLU A 259 -0.96 -28.54 -10.53
N LEU A 260 -0.75 -27.34 -9.95
CA LEU A 260 0.20 -26.37 -10.49
C LEU A 260 1.56 -26.52 -9.85
N GLY A 261 1.65 -26.20 -8.56
CA GLY A 261 2.84 -26.43 -7.74
C GLY A 261 4.05 -25.65 -8.21
N GLU A 262 3.81 -24.45 -8.75
CA GLU A 262 4.84 -23.67 -9.39
C GLU A 262 5.68 -22.82 -8.43
N VAL A 263 5.13 -22.55 -7.24
CA VAL A 263 5.81 -21.82 -6.15
C VAL A 263 5.34 -22.32 -4.78
N ALA A 264 6.03 -21.83 -3.75
CA ALA A 264 5.66 -22.09 -2.38
C ALA A 264 6.16 -20.92 -1.52
N GLU A 265 5.37 -20.60 -0.49
CA GLU A 265 5.67 -19.54 0.46
C GLU A 265 6.85 -20.02 1.27
N PRO A 266 7.64 -19.10 1.85
CA PRO A 266 8.70 -19.58 2.73
C PRO A 266 8.09 -20.12 4.03
N ASN A 282 -0.93 -24.30 3.97
CA ASN A 282 -1.76 -23.08 3.78
C ASN A 282 -0.88 -21.92 3.35
N PRO A 283 -1.26 -21.27 2.24
CA PRO A 283 -0.59 -20.01 1.89
C PRO A 283 -1.00 -18.89 2.87
N VAL A 284 -0.38 -18.91 4.05
CA VAL A 284 -0.81 -18.07 5.15
C VAL A 284 -0.55 -16.60 4.88
N SER A 285 0.54 -16.29 4.18
CA SER A 285 0.78 -14.87 3.88
C SER A 285 -0.28 -14.36 2.91
N CYS A 286 -0.64 -15.20 1.93
CA CYS A 286 -1.67 -14.86 0.94
C CYS A 286 -3.02 -14.72 1.63
N GLU A 287 -3.34 -15.64 2.55
CA GLU A 287 -4.55 -15.51 3.35
C GLU A 287 -4.62 -14.14 4.02
N LEU A 288 -3.56 -13.76 4.74
CA LEU A 288 -3.58 -12.51 5.53
C LEU A 288 -3.67 -11.29 4.61
N ILE A 289 -2.94 -11.32 3.51
CA ILE A 289 -2.92 -10.23 2.55
C ILE A 289 -4.29 -10.00 1.94
N LEU A 290 -4.94 -11.08 1.54
CA LEU A 290 -6.19 -11.04 0.84
C LEU A 290 -7.37 -10.62 1.76
N ALA A 291 -7.39 -11.12 2.99
CA ALA A 291 -8.37 -10.63 3.95
C ALA A 291 -8.10 -9.17 4.29
N GLY A 292 -6.82 -8.82 4.53
CA GLY A 292 -6.42 -7.48 4.93
C GLY A 292 -6.74 -6.42 3.90
N ALA A 293 -6.52 -6.73 2.63
CA ALA A 293 -6.88 -5.87 1.52
C ALA A 293 -8.33 -5.43 1.52
N ARG A 294 -9.24 -6.34 1.82
CA ARG A 294 -10.67 -6.00 1.96
C ARG A 294 -10.96 -5.12 3.17
N ILE A 295 -10.22 -5.33 4.27
CA ILE A 295 -10.43 -4.56 5.49
C ILE A 295 -9.92 -3.11 5.30
N VAL A 296 -8.76 -2.98 4.65
CA VAL A 296 -8.21 -1.65 4.29
C VAL A 296 -9.18 -0.94 3.32
N ARG A 297 -9.68 -1.66 2.30
CA ARG A 297 -10.72 -1.12 1.44
C ARG A 297 -11.89 -0.57 2.27
N ASN A 298 -12.35 -1.33 3.27
CA ASN A 298 -13.42 -0.86 4.14
C ASN A 298 -13.01 0.40 4.91
N HIS A 299 -11.77 0.45 5.41
CA HIS A 299 -11.33 1.71 6.06
C HIS A 299 -11.35 2.91 5.06
N ALA A 300 -11.05 2.67 3.78
CA ALA A 300 -11.11 3.77 2.78
C ALA A 300 -12.54 4.24 2.57
N THR A 301 -13.45 3.29 2.40
CA THR A 301 -14.89 3.54 2.38
C THR A 301 -15.37 4.42 3.54
N SER A 302 -15.00 4.07 4.79
CA SER A 302 -15.32 4.91 5.96
C SER A 302 -14.78 6.32 5.85
N MET A 303 -13.58 6.48 5.30
CA MET A 303 -13.02 7.83 5.14
C MET A 303 -13.81 8.68 4.14
N LEU A 304 -14.30 8.07 3.08
CA LEU A 304 -15.18 8.78 2.14
C LEU A 304 -16.48 9.22 2.81
N ASP A 305 -17.00 8.41 3.73
CA ASP A 305 -18.14 8.80 4.56
C ASP A 305 -17.78 9.94 5.54
N ALA A 306 -16.61 9.85 6.17
CA ALA A 306 -16.15 10.83 7.14
C ALA A 306 -15.95 12.23 6.55
N MET A 307 -15.75 12.29 5.24
CA MET A 307 -15.61 13.55 4.50
C MET A 307 -16.86 14.39 4.52
N ILE A 308 -18.03 13.76 4.66
CA ILE A 308 -19.29 14.52 4.72
C ILE A 308 -19.38 15.02 6.15
N HIS A 309 -18.67 16.11 6.41
CA HIS A 309 -18.40 16.55 7.74
C HIS A 309 -18.99 17.97 7.89
N ASP A 310 -20.19 18.00 8.46
CA ASP A 310 -21.01 19.19 8.39
C ASP A 310 -20.47 20.34 9.28
N PHE A 311 -20.58 21.55 8.75
CA PHE A 311 -20.20 22.79 9.43
C PHE A 311 -18.76 22.80 9.92
N GLU A 312 -18.56 23.24 11.16
CA GLU A 312 -17.23 23.59 11.60
C GLU A 312 -16.63 22.44 12.45
N ARG A 313 -17.45 21.45 12.73
CA ARG A 313 -17.04 20.19 13.44
C ARG A 313 -18.31 19.38 13.53
N ALA A 314 -18.18 18.11 13.17
CA ALA A 314 -19.27 17.16 13.34
C ALA A 314 -18.68 15.87 13.95
N THR A 315 -19.18 15.51 15.13
CA THR A 315 -18.59 14.45 15.93
C THR A 315 -18.80 13.05 15.31
N GLY A 316 -19.97 12.80 14.75
CA GLY A 316 -20.25 11.53 14.04
C GLY A 316 -19.21 11.23 12.97
N PRO A 317 -19.16 12.06 11.89
CA PRO A 317 -18.16 11.85 10.85
C PRO A 317 -16.73 11.77 11.41
N TRP A 318 -16.42 12.61 12.38
CA TRP A 318 -15.04 12.69 12.89
C TRP A 318 -14.67 11.39 13.62
N HIS A 319 -15.62 10.83 14.36
CA HIS A 319 -15.45 9.57 15.06
C HIS A 319 -15.04 8.45 14.12
N LEU A 320 -15.51 8.50 12.88
CA LEU A 320 -15.17 7.52 11.86
C LEU A 320 -13.69 7.43 11.51
N GLU A 321 -12.99 8.56 11.49
CA GLU A 321 -11.52 8.59 11.33
C GLU A 321 -10.75 7.84 12.39
N TRP A 322 -11.32 7.75 13.60
CA TRP A 322 -10.66 7.20 14.78
C TRP A 322 -10.42 5.71 14.69
N SER A 323 -11.16 5.02 13.84
CA SER A 323 -10.87 3.62 13.50
C SER A 323 -10.17 3.58 12.13
N ALA A 324 -10.68 4.34 11.18
CA ALA A 324 -10.22 4.17 9.81
C ALA A 324 -8.70 4.50 9.65
N VAL A 325 -8.24 5.58 10.31
CA VAL A 325 -6.80 5.94 10.23
C VAL A 325 -5.88 4.94 10.94
N PRO A 326 -6.02 4.78 12.28
CA PRO A 326 -5.05 3.88 12.88
C PRO A 326 -5.13 2.44 12.39
N GLU A 327 -6.35 1.95 12.16
CA GLU A 327 -6.50 0.57 11.70
C GLU A 327 -6.14 0.39 10.22
N GLY A 328 -6.51 1.33 9.35
CA GLY A 328 -6.03 1.31 7.94
C GLY A 328 -4.51 1.19 7.92
N PHE A 329 -3.82 1.96 8.78
CA PHE A 329 -2.35 1.94 8.87
C PHE A 329 -1.78 0.64 9.39
N ALA A 330 -2.36 0.13 10.47
CA ALA A 330 -1.91 -1.10 11.09
C ALA A 330 -2.03 -2.30 10.16
N VAL A 331 -3.21 -2.46 9.56
CA VAL A 331 -3.47 -3.56 8.63
C VAL A 331 -2.65 -3.41 7.33
N ALA A 332 -2.62 -2.22 6.74
CA ALA A 332 -1.81 -2.09 5.53
C ALA A 332 -0.32 -2.38 5.76
N SER A 333 0.20 -1.95 6.91
CA SER A 333 1.55 -2.24 7.32
C SER A 333 1.80 -3.72 7.54
N GLY A 334 0.85 -4.42 8.15
CA GLY A 334 1.00 -5.85 8.41
C GLY A 334 1.00 -6.69 7.15
N ILE A 335 0.10 -6.40 6.23
CA ILE A 335 0.09 -7.13 4.94
C ILE A 335 1.30 -6.78 4.03
N LEU A 336 1.76 -5.52 4.05
CA LEU A 336 3.08 -5.22 3.44
C LEU A 336 4.19 -6.02 4.07
N TYR A 337 4.17 -6.18 5.39
CA TYR A 337 5.20 -7.00 6.02
C TYR A 337 5.10 -8.49 5.61
N GLN A 338 3.88 -9.00 5.54
CA GLN A 338 3.64 -10.37 5.05
C GLN A 338 4.18 -10.56 3.64
N ALA A 339 3.96 -9.56 2.77
CA ALA A 339 4.50 -9.58 1.39
C ALA A 339 6.02 -9.50 1.32
N GLU A 340 6.64 -8.62 2.11
CA GLU A 340 8.13 -8.56 2.26
C GLU A 340 8.70 -9.97 2.57
N PHE A 341 8.12 -10.62 3.56
CA PHE A 341 8.56 -11.91 4.01
C PHE A 341 8.37 -13.00 2.96
N MET A 342 7.17 -13.05 2.38
CA MET A 342 6.80 -14.07 1.42
C MET A 342 7.62 -13.97 0.14
N LEU A 343 7.72 -12.75 -0.38
CA LEU A 343 8.41 -12.48 -1.65
C LEU A 343 9.92 -12.55 -1.48
N GLY A 344 10.39 -12.17 -0.28
CA GLY A 344 11.79 -12.25 0.03
C GLY A 344 12.27 -13.68 0.02
N GLY A 345 11.47 -14.61 0.56
CA GLY A 345 11.83 -16.04 0.59
C GLY A 345 11.02 -16.93 -0.34
N LEU A 346 10.35 -16.36 -1.35
CA LEU A 346 9.52 -17.17 -2.27
C LEU A 346 10.29 -18.38 -2.88
N GLN A 347 9.74 -19.60 -2.80
CA GLN A 347 10.35 -20.75 -3.46
C GLN A 347 9.73 -20.82 -4.87
N VAL A 348 10.56 -20.79 -5.89
CA VAL A 348 10.10 -20.79 -7.28
C VAL A 348 10.56 -22.11 -7.84
N PHE A 349 9.68 -22.84 -8.57
CA PHE A 349 9.99 -24.20 -9.08
C PHE A 349 10.02 -24.33 -10.60
N PRO A 350 11.15 -24.00 -11.20
CA PRO A 350 11.20 -23.98 -12.65
C PRO A 350 10.80 -25.33 -13.30
N ASP A 351 11.00 -26.43 -12.56
CA ASP A 351 10.65 -27.76 -13.03
C ASP A 351 9.16 -27.94 -13.18
N ARG A 352 8.40 -27.57 -12.15
CA ARG A 352 6.93 -27.63 -12.26
C ARG A 352 6.44 -26.64 -13.32
N MET A 353 7.12 -25.49 -13.46
CA MET A 353 6.73 -24.48 -14.43
C MET A 353 6.84 -25.01 -15.87
N ARG A 354 7.97 -25.68 -16.14
CA ARG A 354 8.32 -26.27 -17.44
C ARG A 354 7.30 -27.38 -17.74
N GLU A 355 7.01 -28.20 -16.74
CA GLU A 355 6.05 -29.28 -16.91
C GLU A 355 4.65 -28.76 -17.25
N ASN A 356 4.21 -27.69 -16.58
CA ASN A 356 2.87 -27.18 -16.85
C ASN A 356 2.82 -26.51 -18.25
N LEU A 357 3.91 -25.84 -18.61
CA LEU A 357 4.04 -25.23 -19.92
C LEU A 357 3.91 -26.28 -21.04
N ASP A 358 4.46 -27.50 -20.85
CA ASP A 358 4.31 -28.60 -21.80
C ASP A 358 2.95 -29.30 -21.77
N HIS A 359 2.08 -28.93 -20.82
CA HIS A 359 0.79 -29.62 -20.61
C HIS A 359 0.01 -29.73 -21.94
N SER A 360 -0.07 -28.62 -22.67
CA SER A 360 -0.84 -28.56 -23.93
C SER A 360 -0.09 -29.13 -25.16
N ARG A 361 1.15 -29.57 -24.97
CA ARG A 361 1.92 -30.23 -26.03
C ARG A 361 1.97 -29.40 -27.31
N GLY A 362 2.24 -28.10 -27.13
CA GLY A 362 2.48 -27.18 -28.23
C GLY A 362 1.26 -26.36 -28.58
N LEU A 363 0.09 -26.75 -28.10
CA LEU A 363 -1.13 -25.99 -28.39
C LEU A 363 -0.98 -24.53 -27.94
N ILE A 364 -0.31 -24.32 -26.81
CA ILE A 364 -0.08 -22.98 -26.26
C ILE A 364 0.70 -22.04 -27.20
N VAL A 365 1.35 -22.58 -28.22
CA VAL A 365 2.09 -21.82 -29.25
C VAL A 365 1.54 -22.07 -30.71
N ALA A 366 0.28 -22.51 -30.81
CA ALA A 366 -0.42 -22.50 -32.10
C ALA A 366 -0.20 -21.17 -32.84
N GLU A 367 -0.34 -20.04 -32.12
CA GLU A 367 -0.11 -18.69 -32.68
C GLU A 367 1.23 -18.55 -33.44
N ALA A 368 2.31 -19.13 -32.88
CA ALA A 368 3.64 -19.13 -33.53
C ALA A 368 3.65 -19.87 -34.89
N VAL A 369 2.90 -20.97 -35.02
CA VAL A 369 2.76 -21.62 -36.32
C VAL A 369 1.97 -20.72 -37.30
N MET A 370 0.83 -20.18 -36.86
CA MET A 370 0.07 -19.17 -37.64
C MET A 370 0.96 -18.03 -38.17
N MET A 371 1.67 -17.37 -37.28
CA MET A 371 2.63 -16.29 -37.64
CA MET A 371 2.53 -16.28 -37.72
C MET A 371 3.57 -16.77 -38.74
N ALA A 372 4.13 -17.97 -38.57
CA ALA A 372 5.07 -18.49 -39.55
C ALA A 372 4.43 -18.91 -40.88
N LEU A 373 3.17 -19.33 -40.81
CA LEU A 373 2.49 -19.89 -41.96
C LEU A 373 1.92 -18.78 -42.85
N ALA A 374 1.32 -17.76 -42.22
CA ALA A 374 0.69 -16.62 -42.91
C ALA A 374 1.38 -16.10 -44.18
N PRO A 375 2.70 -15.81 -44.12
CA PRO A 375 3.33 -15.40 -45.39
C PRO A 375 3.14 -16.38 -46.57
N HIS A 376 2.84 -17.66 -46.30
CA HIS A 376 2.72 -18.67 -47.36
C HIS A 376 1.29 -18.84 -47.84
N THR A 377 0.36 -18.89 -46.91
CA THR A 377 -1.02 -19.20 -47.22
C THR A 377 -1.91 -17.98 -47.21
N GLY A 378 -1.44 -16.87 -46.66
CA GLY A 378 -2.34 -15.79 -46.23
C GLY A 378 -2.79 -15.99 -44.79
N ARG A 379 -3.46 -14.98 -44.23
CA ARG A 379 -3.62 -14.86 -42.78
C ARG A 379 -4.80 -15.64 -42.20
N LYS A 380 -5.99 -15.42 -42.76
CA LYS A 380 -7.19 -16.19 -42.43
C LYS A 380 -6.95 -17.69 -42.69
N GLU A 381 -6.33 -18.00 -43.83
CA GLU A 381 -6.01 -19.37 -44.22
C GLU A 381 -5.07 -20.03 -43.20
N ALA A 382 -4.02 -19.33 -42.80
CA ALA A 382 -3.07 -19.83 -41.81
C ALA A 382 -3.80 -20.11 -40.51
N HIS A 383 -4.62 -19.16 -40.07
CA HIS A 383 -5.46 -19.35 -38.88
C HIS A 383 -6.39 -20.55 -38.97
N ASP A 384 -7.07 -20.71 -40.11
CA ASP A 384 -7.96 -21.86 -40.28
C ASP A 384 -7.25 -23.20 -40.26
N ILE A 385 -6.12 -23.30 -40.94
CA ILE A 385 -5.32 -24.54 -41.01
C ILE A 385 -4.86 -25.00 -39.60
N VAL A 386 -4.32 -24.06 -38.82
CA VAL A 386 -3.72 -24.35 -37.52
C VAL A 386 -4.80 -24.61 -36.50
N TYR A 387 -5.91 -23.87 -36.55
CA TYR A 387 -7.03 -24.16 -35.62
C TYR A 387 -7.60 -25.57 -35.88
N LEU A 388 -7.70 -25.96 -37.14
CA LEU A 388 -7.99 -27.34 -37.54
C LEU A 388 -6.95 -28.33 -37.00
N GLY A 389 -5.67 -28.01 -37.15
CA GLY A 389 -4.59 -28.81 -36.54
C GLY A 389 -4.78 -28.93 -35.02
N CYS A 390 -5.17 -27.82 -34.38
CA CYS A 390 -5.42 -27.78 -32.94
C CYS A 390 -6.64 -28.60 -32.50
N ARG A 391 -7.76 -28.50 -33.24
CA ARG A 391 -8.93 -29.33 -32.93
C ARG A 391 -8.59 -30.82 -32.98
N ARG A 392 -7.79 -31.21 -33.97
CA ARG A 392 -7.41 -32.62 -34.13
C ARG A 392 -6.43 -33.11 -33.08
N ALA A 393 -5.49 -32.25 -32.68
CA ALA A 393 -4.54 -32.61 -31.62
C ALA A 393 -5.30 -32.92 -30.31
N VAL A 394 -6.27 -32.05 -29.99
CA VAL A 394 -7.18 -32.21 -28.86
C VAL A 394 -8.01 -33.50 -29.00
N GLU A 395 -8.82 -33.59 -30.07
CA GLU A 395 -9.69 -34.76 -30.32
C GLU A 395 -8.94 -36.07 -30.37
N ASP A 396 -7.64 -36.02 -30.69
CA ASP A 396 -6.81 -37.23 -30.88
C ASP A 396 -5.86 -37.45 -29.72
N LYS A 397 -6.07 -36.70 -28.64
CA LYS A 397 -5.20 -36.69 -27.46
C LYS A 397 -3.70 -36.88 -27.79
N THR A 398 -3.25 -36.15 -28.83
CA THR A 398 -1.81 -36.11 -29.19
C THR A 398 -1.27 -34.65 -29.25
N GLY A 399 0.04 -34.50 -29.44
CA GLY A 399 0.67 -33.17 -29.56
C GLY A 399 0.40 -32.45 -30.89
N LEU A 400 0.45 -31.12 -30.85
CA LEU A 400 0.25 -30.35 -32.06
C LEU A 400 1.25 -30.67 -33.18
N PHE A 401 2.54 -30.86 -32.85
CA PHE A 401 3.56 -31.18 -33.88
C PHE A 401 3.20 -32.48 -34.65
N GLU A 402 2.80 -33.51 -33.88
CA GLU A 402 2.42 -34.79 -34.47
C GLU A 402 1.18 -34.69 -35.38
N VAL A 403 0.30 -33.71 -35.17
CA VAL A 403 -0.82 -33.50 -36.08
C VAL A 403 -0.34 -32.72 -37.30
N LEU A 404 0.35 -31.60 -37.07
CA LEU A 404 0.74 -30.66 -38.15
C LEU A 404 1.67 -31.25 -39.21
N ARG A 405 2.54 -32.14 -38.76
CA ARG A 405 3.52 -32.81 -39.60
C ARG A 405 2.88 -33.66 -40.70
N THR A 406 1.64 -34.11 -40.50
CA THR A 406 0.96 -34.97 -41.46
C THR A 406 0.08 -34.13 -42.40
N MET A 407 0.12 -32.79 -42.24
CA MET A 407 -0.78 -31.88 -42.92
C MET A 407 0.02 -31.11 -43.98
N PRO A 408 0.04 -31.58 -45.25
CA PRO A 408 1.02 -31.01 -46.20
C PRO A 408 0.88 -29.50 -46.47
N GLU A 409 -0.32 -28.96 -46.28
CA GLU A 409 -0.53 -27.52 -46.44
C GLU A 409 0.21 -26.69 -45.36
N VAL A 410 0.74 -27.35 -44.32
CA VAL A 410 1.63 -26.71 -43.35
C VAL A 410 3.06 -27.27 -43.44
N ALA A 411 3.16 -28.60 -43.37
CA ALA A 411 4.45 -29.30 -43.33
C ALA A 411 5.37 -28.93 -44.52
N LYS A 412 4.82 -28.94 -45.74
CA LYS A 412 5.63 -28.66 -46.94
C LYS A 412 6.13 -27.20 -46.99
N PRO A 413 5.23 -26.20 -46.83
CA PRO A 413 5.82 -24.85 -46.82
C PRO A 413 6.81 -24.58 -45.66
N LEU A 414 6.54 -25.10 -44.46
CA LEU A 414 7.39 -24.82 -43.29
C LEU A 414 8.58 -25.78 -43.10
N GLY A 415 8.37 -27.07 -43.34
CA GLY A 415 9.40 -28.07 -43.10
C GLY A 415 9.18 -28.55 -41.68
N GLU A 416 9.46 -29.83 -41.45
CA GLU A 416 9.30 -30.48 -40.15
C GLU A 416 10.21 -29.93 -39.06
N GLU A 417 11.43 -29.55 -39.41
CA GLU A 417 12.36 -29.00 -38.42
C GLU A 417 11.76 -27.68 -37.88
N ALA A 418 11.43 -26.77 -38.78
CA ALA A 418 10.72 -25.53 -38.39
C ALA A 418 9.46 -25.81 -37.53
N LEU A 419 8.67 -26.84 -37.87
CA LEU A 419 7.48 -27.21 -37.08
C LEU A 419 7.82 -27.63 -35.64
N ARG A 420 8.86 -28.46 -35.49
CA ARG A 420 9.42 -28.78 -34.17
C ARG A 420 9.83 -27.53 -33.38
N ASP A 421 10.55 -26.61 -34.02
CA ASP A 421 10.95 -25.34 -33.37
C ASP A 421 9.73 -24.46 -32.94
N LEU A 422 8.77 -24.31 -33.84
CA LEU A 422 7.59 -23.46 -33.64
C LEU A 422 6.61 -24.00 -32.58
N THR A 423 6.58 -25.32 -32.43
CA THR A 423 5.76 -25.96 -31.44
C THR A 423 6.42 -26.13 -30.09
N ASP A 424 7.68 -25.70 -29.94
CA ASP A 424 8.36 -25.65 -28.63
C ASP A 424 8.08 -24.31 -27.96
N PRO A 425 7.32 -24.32 -26.86
CA PRO A 425 6.94 -23.06 -26.19
C PRO A 425 8.13 -22.18 -25.77
N ARG A 426 9.27 -22.79 -25.50
CA ARG A 426 10.46 -22.02 -25.06
C ARG A 426 10.94 -21.03 -26.12
N ASN A 427 10.52 -21.22 -27.37
CA ASN A 427 10.92 -20.36 -28.48
C ASN A 427 10.02 -19.17 -28.71
N TYR A 428 9.00 -18.98 -27.87
CA TYR A 428 7.99 -17.94 -28.16
C TYR A 428 7.72 -16.98 -27.01
N LEU A 429 8.77 -16.28 -26.56
CA LEU A 429 8.69 -15.49 -25.34
C LEU A 429 8.68 -13.99 -25.62
N GLY A 430 8.85 -13.65 -26.89
CA GLY A 430 8.63 -12.29 -27.39
C GLY A 430 9.51 -11.26 -26.73
N SER A 431 8.89 -10.22 -26.19
CA SER A 431 9.63 -9.17 -25.51
C SER A 431 9.69 -9.36 -23.97
N ALA A 432 9.30 -10.53 -23.47
CA ALA A 432 9.27 -10.77 -22.03
C ALA A 432 10.54 -10.25 -21.35
N GLY A 433 11.69 -10.78 -21.79
CA GLY A 433 12.98 -10.36 -21.28
C GLY A 433 13.18 -8.85 -21.35
N ALA A 434 12.93 -8.26 -22.53
CA ALA A 434 13.15 -6.82 -22.68
C ALA A 434 12.21 -6.00 -21.78
N MET A 435 10.98 -6.48 -21.55
CA MET A 435 10.02 -5.78 -20.69
C MET A 435 10.50 -5.77 -19.24
N VAL A 436 11.06 -6.89 -18.80
CA VAL A 436 11.66 -7.00 -17.48
C VAL A 436 12.77 -5.97 -17.31
N ASP A 437 13.66 -5.88 -18.31
CA ASP A 437 14.80 -4.94 -18.28
C ASP A 437 14.33 -3.49 -18.18
N ASN A 438 13.27 -3.18 -18.91
CA ASN A 438 12.63 -1.87 -18.88
C ASN A 438 12.13 -1.46 -17.50
N VAL A 439 11.42 -2.34 -16.83
CA VAL A 439 10.94 -2.03 -15.48
C VAL A 439 12.12 -1.91 -14.47
N LEU A 440 13.05 -2.86 -14.53
CA LEU A 440 14.21 -2.83 -13.63
C LEU A 440 15.05 -1.54 -13.82
N GLY A 441 15.17 -1.09 -15.07
CA GLY A 441 15.82 0.17 -15.39
C GLY A 441 17.16 0.37 -14.73
N GLY A 442 17.99 -0.69 -14.77
CA GLY A 442 19.33 -0.61 -14.20
C GLY A 442 19.37 -0.81 -12.69
N ARG A 443 18.38 -1.53 -12.15
CA ARG A 443 18.47 -2.06 -10.76
C ARG A 443 19.09 -3.47 -10.78
#